data_9GX0
#
_entry.id   9GX0
#
_cell.length_a   93.313
_cell.length_b   62.127
_cell.length_c   118.521
_cell.angle_alpha   90.000
_cell.angle_beta   101.818
_cell.angle_gamma   90.000
#
_symmetry.space_group_name_H-M   'C 1 2 1'
#
loop_
_entity.id
_entity.type
_entity.pdbx_description
1 polymer 'Peroxisome proliferator-activated receptor gamma'
2 non-polymer '4-[5-chloranyl-1-[2-chloranyl-6-(trifluoromethyl)phenyl]carbonyl-indazol-3-yl]-3-[(4-methylphenyl)methoxy]benzoic acid'
3 water water
#
_entity_poly.entity_id   1
_entity_poly.type   'polypeptide(L)'
_entity_poly.pdbx_seq_one_letter_code
;GSHMESADLRALAKHLYDSYIKSFPLTKAKARAILTGKTTDKSPFVIYDMNSLMMGEDKIKFKHITPLQEQSKEVAIRIF
QGCQFRSVEAVQEITEYAKSIPGFVNLDLNDQVTLLKYGVHEIIYTMLASLMNKDGVLISEGQGFMTREFLKSLRKPFGD
FMEPKFEFAVKFNALELDDSDLAIFIAVIILSGDRPGLLNVKPIEDIQDNLLQALELQLKLNHPESSQLFAKLLQKMTDL
RQIVTEHVQLLQVIKKTETDMSLHPLLQEIYKDLY
;
_entity_poly.pdbx_strand_id   B,A
#
loop_
_chem_comp.id
_chem_comp.type
_chem_comp.name
_chem_comp.formula
A1IQG non-polymer '4-[5-chloranyl-1-[2-chloranyl-6-(trifluoromethyl)phenyl]carbonyl-indazol-3-yl]-3-[(4-methylphenyl)methoxy]benzoic acid' 'C30 H19 Cl2 F3 N2 O4'
#
# COMPACT_ATOMS: atom_id res chain seq x y z
N HIS A 3 -12.15 19.43 -11.53
CA HIS A 3 -11.46 20.68 -11.23
C HIS A 3 -12.21 21.50 -10.18
N MET A 4 -11.47 22.07 -9.24
CA MET A 4 -12.07 22.95 -8.24
C MET A 4 -11.19 24.18 -8.05
N GLU A 5 -11.83 25.32 -7.84
CA GLU A 5 -11.10 26.55 -7.58
C GLU A 5 -10.37 26.46 -6.24
N SER A 6 -9.18 27.06 -6.17
CA SER A 6 -8.36 26.93 -4.97
C SER A 6 -9.11 27.47 -3.76
N ALA A 7 -9.84 28.56 -3.94
CA ALA A 7 -10.66 29.09 -2.85
C ALA A 7 -11.66 28.05 -2.35
N ASP A 8 -12.18 27.22 -3.24
CA ASP A 8 -13.11 26.16 -2.84
C ASP A 8 -12.38 25.08 -2.05
N LEU A 9 -11.15 24.79 -2.44
CA LEU A 9 -10.36 23.78 -1.74
C LEU A 9 -10.02 24.24 -0.34
N ARG A 10 -9.72 25.53 -0.15
CA ARG A 10 -9.45 26.04 1.19
C ARG A 10 -10.70 25.94 2.06
N ALA A 11 -11.85 26.34 1.51
CA ALA A 11 -13.10 26.22 2.25
C ALA A 11 -13.33 24.77 2.67
N LEU A 12 -13.09 23.83 1.75
CA LEU A 12 -13.26 22.43 2.11
C LEU A 12 -12.31 22.07 3.26
N ALA A 13 -11.05 22.46 3.14
CA ALA A 13 -10.08 22.21 4.20
C ALA A 13 -10.53 22.80 5.53
N LYS A 14 -11.04 24.04 5.53
CA LYS A 14 -11.48 24.62 6.78
C LYS A 14 -12.68 23.89 7.34
N HIS A 15 -13.63 23.52 6.49
CA HIS A 15 -14.80 22.79 6.95
C HIS A 15 -14.38 21.52 7.67
N LEU A 16 -13.46 20.77 7.08
CA LEU A 16 -13.07 19.49 7.64
C LEU A 16 -12.31 19.69 8.95
N TYR A 17 -11.44 20.70 9.01
CA TYR A 17 -10.70 20.97 10.23
C TYR A 17 -11.66 21.25 11.39
N ASP A 18 -12.63 22.14 11.18
CA ASP A 18 -13.58 22.46 12.23
C ASP A 18 -14.33 21.23 12.70
N SER A 19 -14.74 20.37 11.78
CA SER A 19 -15.52 19.22 12.17
C SER A 19 -14.67 18.19 12.93
N TYR A 20 -13.42 18.02 12.49
CA TYR A 20 -12.45 17.16 13.15
C TYR A 20 -12.22 17.59 14.59
N ILE A 21 -12.11 18.90 14.81
CA ILE A 21 -11.94 19.44 16.17
C ILE A 21 -13.15 19.10 17.04
N LYS A 22 -14.34 19.13 16.45
CA LYS A 22 -15.55 18.81 17.20
C LYS A 22 -15.66 17.31 17.49
N SER A 23 -15.14 16.46 16.62
CA SER A 23 -15.41 15.03 16.70
C SER A 23 -14.47 14.27 17.61
N PHE A 24 -13.25 14.74 17.77
CA PHE A 24 -12.20 13.99 18.42
C PHE A 24 -11.78 14.68 19.72
N PRO A 25 -11.79 13.96 20.84
CA PRO A 25 -11.57 14.63 22.12
C PRO A 25 -10.17 15.21 22.26
N LEU A 26 -9.15 14.42 21.93
CA LEU A 26 -7.76 14.80 22.13
C LEU A 26 -7.12 15.06 20.78
N THR A 27 -6.88 16.32 20.45
CA THR A 27 -6.26 16.62 19.17
C THR A 27 -4.77 16.30 19.20
N LYS A 28 -4.17 16.21 18.01
CA LYS A 28 -2.73 16.04 17.96
C LYS A 28 -2.00 17.19 18.64
N ALA A 29 -2.48 18.44 18.45
CA ALA A 29 -1.80 19.58 19.06
C ALA A 29 -1.79 19.47 20.58
N LYS A 30 -2.90 19.05 21.16
CA LYS A 30 -2.95 18.88 22.60
C LYS A 30 -2.05 17.74 23.05
N ALA A 31 -2.12 16.60 22.35
CA ALA A 31 -1.27 15.46 22.67
C ALA A 31 0.20 15.84 22.66
N ARG A 32 0.65 16.59 21.64
CA ARG A 32 2.05 16.96 21.55
C ARG A 32 2.42 17.88 22.70
N ALA A 33 1.51 18.76 23.08
CA ALA A 33 1.77 19.59 24.24
C ALA A 33 2.04 18.71 25.45
N ILE A 34 1.28 17.63 25.60
CA ILE A 34 1.46 16.76 26.75
C ILE A 34 2.75 15.94 26.62
N LEU A 35 2.97 15.32 25.47
CA LEU A 35 4.12 14.44 25.33
C LEU A 35 5.44 15.21 25.49
N THR A 36 5.46 16.47 25.11
CA THR A 36 6.67 17.27 25.13
C THR A 36 6.83 18.03 26.42
N GLY A 37 5.88 17.89 27.33
CA GLY A 37 6.00 18.56 28.62
C GLY A 37 5.86 20.06 28.53
N LYS A 38 5.27 20.58 27.45
CA LYS A 38 5.18 22.02 27.25
C LYS A 38 4.02 22.60 28.07
N LYS A 42 -0.72 19.90 34.33
CA LYS A 42 -0.88 18.65 35.06
C LYS A 42 -0.23 17.47 34.35
N SER A 43 0.84 16.94 34.94
CA SER A 43 1.54 15.83 34.31
C SER A 43 0.63 14.60 34.28
N PRO A 44 0.64 13.84 33.18
CA PRO A 44 -0.18 12.63 33.15
C PRO A 44 0.37 11.59 34.11
N PHE A 45 -0.52 10.73 34.60
CA PHE A 45 -0.07 9.60 35.39
C PHE A 45 0.63 8.58 34.49
N VAL A 46 1.78 8.09 34.92
CA VAL A 46 2.63 7.27 34.07
C VAL A 46 2.51 5.81 34.49
N ILE A 47 2.26 4.95 33.51
CA ILE A 47 2.25 3.51 33.74
C ILE A 47 3.48 2.96 33.07
N TYR A 48 4.36 2.36 33.87
CA TYR A 48 5.64 1.85 33.39
C TYR A 48 5.91 0.43 33.86
N ASP A 49 5.05 -0.14 34.70
CA ASP A 49 5.24 -1.49 35.24
C ASP A 49 3.93 -1.96 35.88
N MET A 50 3.98 -3.15 36.47
CA MET A 50 2.79 -3.75 37.06
C MET A 50 2.22 -2.90 38.21
N ASN A 51 3.08 -2.42 39.12
CA ASN A 51 2.59 -1.68 40.28
C ASN A 51 1.92 -0.36 39.89
N SER A 52 2.52 0.39 38.96
CA SER A 52 1.91 1.64 38.52
C SER A 52 0.63 1.39 37.71
N LEU A 53 0.57 0.29 36.94
CA LEU A 53 -0.68 -0.06 36.28
C LEU A 53 -1.81 -0.20 37.29
N MET A 54 -1.55 -0.94 38.36
CA MET A 54 -2.58 -1.15 39.38
C MET A 54 -3.00 0.16 40.04
N MET A 55 -2.08 1.10 40.22
CA MET A 55 -2.46 2.42 40.76
C MET A 55 -3.18 3.27 39.72
N GLY A 56 -2.72 3.24 38.47
CA GLY A 56 -3.41 3.97 37.42
C GLY A 56 -4.86 3.53 37.26
N GLU A 57 -5.13 2.24 37.42
CA GLU A 57 -6.53 1.78 37.42
C GLU A 57 -7.30 2.40 38.59
N ASP A 58 -6.68 2.49 39.77
CA ASP A 58 -7.36 3.15 40.88
C ASP A 58 -7.45 4.65 40.66
N LYS A 59 -6.35 5.28 40.22
CA LYS A 59 -6.29 6.73 40.12
C LYS A 59 -7.13 7.22 38.95
N ILE A 60 -6.79 6.79 37.73
CA ILE A 60 -7.58 7.16 36.57
C ILE A 60 -8.89 6.38 36.61
N LYS A 61 -9.96 7.00 36.13
CA LYS A 61 -11.26 6.34 36.11
C LYS A 61 -11.42 5.61 34.78
N PHE A 62 -10.88 4.39 34.74
CA PHE A 62 -11.08 3.52 33.58
C PHE A 62 -12.53 3.06 33.50
N LYS A 63 -13.03 2.98 32.27
CA LYS A 63 -14.41 2.53 32.06
C LYS A 63 -14.50 1.07 31.60
N HIS A 64 -13.37 0.36 31.51
CA HIS A 64 -13.33 -0.96 30.90
C HIS A 64 -13.06 -2.10 31.88
N ILE A 65 -13.02 -1.83 33.18
CA ILE A 65 -12.58 -2.81 34.17
C ILE A 65 -13.78 -3.64 34.59
N THR A 66 -13.86 -4.90 34.12
CA THR A 66 -14.99 -5.77 34.39
C THR A 66 -14.54 -7.06 35.06
N PRO A 67 -15.32 -7.57 36.04
CA PRO A 67 -15.05 -8.87 36.67
C PRO A 67 -15.01 -10.02 35.67
N LYS A 73 -9.05 -9.94 35.33
CA LYS A 73 -8.27 -10.91 34.57
C LYS A 73 -6.76 -10.60 34.60
N GLU A 74 -6.00 -11.43 33.90
CA GLU A 74 -4.56 -11.27 33.77
C GLU A 74 -4.22 -9.88 33.22
N VAL A 75 -3.04 -9.38 33.62
CA VAL A 75 -2.66 -8.00 33.30
C VAL A 75 -2.69 -7.75 31.79
N ALA A 76 -1.98 -8.57 31.02
CA ALA A 76 -1.91 -8.35 29.57
C ALA A 76 -3.30 -8.37 28.95
N ILE A 77 -4.22 -9.16 29.52
CA ILE A 77 -5.59 -9.19 29.03
C ILE A 77 -6.24 -7.82 29.26
N ARG A 78 -6.21 -7.35 30.51
CA ARG A 78 -6.83 -6.08 30.89
C ARG A 78 -6.40 -4.94 29.98
N ILE A 79 -5.10 -4.84 29.68
CA ILE A 79 -4.61 -3.78 28.82
C ILE A 79 -5.17 -3.95 27.40
N PHE A 80 -5.18 -5.18 26.90
CA PHE A 80 -5.78 -5.47 25.59
C PHE A 80 -7.23 -5.01 25.54
N GLN A 81 -8.03 -5.41 26.54
CA GLN A 81 -9.42 -4.95 26.58
C GLN A 81 -9.53 -3.44 26.67
N GLY A 82 -8.59 -2.77 27.33
CA GLY A 82 -8.59 -1.32 27.28
C GLY A 82 -8.43 -0.79 25.87
N CYS A 83 -7.55 -1.41 25.09
CA CYS A 83 -7.36 -0.97 23.71
C CYS A 83 -8.64 -1.17 22.93
N GLN A 84 -9.33 -2.28 23.20
CA GLN A 84 -10.58 -2.56 22.51
C GLN A 84 -11.65 -1.54 22.88
N PHE A 85 -11.79 -1.27 24.18
CA PHE A 85 -12.78 -0.30 24.65
C PHE A 85 -12.60 1.05 23.95
N ARG A 86 -11.35 1.52 23.87
CA ARG A 86 -11.12 2.83 23.27
C ARG A 86 -11.34 2.79 21.76
N SER A 87 -11.01 1.67 21.12
CA SER A 87 -11.22 1.55 19.68
C SER A 87 -12.71 1.67 19.33
N VAL A 88 -13.56 0.97 20.09
CA VAL A 88 -15.00 1.07 19.89
C VAL A 88 -15.46 2.51 20.04
N GLU A 89 -14.87 3.24 20.98
CA GLU A 89 -15.17 4.66 21.11
C GLU A 89 -14.75 5.41 19.85
N ALA A 90 -13.54 5.16 19.37
CA ALA A 90 -13.04 5.83 18.19
C ALA A 90 -13.91 5.55 16.97
N VAL A 91 -14.40 4.32 16.82
CA VAL A 91 -15.27 4.01 15.69
C VAL A 91 -16.44 4.99 15.63
N GLN A 92 -17.07 5.24 16.78
CA GLN A 92 -18.19 6.18 16.80
C GLN A 92 -17.74 7.62 16.55
N GLU A 93 -16.59 8.01 17.08
CA GLU A 93 -16.09 9.36 16.78
C GLU A 93 -15.82 9.52 15.28
N ILE A 94 -15.19 8.52 14.66
CA ILE A 94 -14.93 8.57 13.22
C ILE A 94 -16.23 8.54 12.41
N THR A 95 -17.20 7.73 12.85
CA THR A 95 -18.48 7.67 12.15
C THR A 95 -19.13 9.04 12.12
N GLU A 96 -19.15 9.70 13.27
CA GLU A 96 -19.71 11.06 13.34
C GLU A 96 -18.95 12.03 12.45
N TYR A 97 -17.62 11.94 12.44
CA TYR A 97 -16.83 12.80 11.57
C TYR A 97 -17.18 12.60 10.10
N ALA A 98 -17.32 11.34 9.67
CA ALA A 98 -17.63 11.07 8.26
C ALA A 98 -18.90 11.81 7.81
N LYS A 99 -19.89 11.93 8.70
CA LYS A 99 -21.12 12.62 8.31
C LYS A 99 -20.83 14.04 7.85
N SER A 100 -19.74 14.64 8.32
CA SER A 100 -19.42 15.99 7.89
C SER A 100 -18.68 16.07 6.57
N ILE A 101 -18.18 14.95 6.04
CA ILE A 101 -17.47 15.01 4.77
C ILE A 101 -18.49 15.33 3.69
N PRO A 102 -18.37 16.48 2.98
CA PRO A 102 -19.35 16.80 1.92
C PRO A 102 -19.54 15.65 0.95
N GLY A 103 -20.79 15.25 0.77
CA GLY A 103 -21.18 14.18 -0.10
C GLY A 103 -21.45 12.88 0.63
N PHE A 104 -20.84 12.66 1.81
CA PHE A 104 -20.85 11.33 2.40
C PHE A 104 -22.27 10.86 2.71
N VAL A 105 -23.06 11.71 3.37
CA VAL A 105 -24.39 11.26 3.77
C VAL A 105 -25.32 11.06 2.58
N ASN A 106 -24.96 11.55 1.39
CA ASN A 106 -25.84 11.32 0.25
C ASN A 106 -25.51 10.04 -0.49
N LEU A 107 -24.42 9.37 -0.15
CA LEU A 107 -24.13 8.08 -0.73
C LEU A 107 -25.17 7.06 -0.27
N ASP A 108 -25.37 6.04 -1.10
CA ASP A 108 -26.13 4.84 -0.75
C ASP A 108 -25.81 4.38 0.67
N LEU A 109 -26.84 4.03 1.45
CA LEU A 109 -26.60 3.76 2.86
C LEU A 109 -25.70 2.54 3.05
N ASN A 110 -25.85 1.51 2.21
CA ASN A 110 -24.93 0.38 2.32
C ASN A 110 -23.48 0.79 2.05
N ASP A 111 -23.27 1.73 1.13
CA ASP A 111 -21.91 2.14 0.81
C ASP A 111 -21.33 2.95 1.96
N GLN A 112 -22.12 3.81 2.58
CA GLN A 112 -21.67 4.47 3.81
C GLN A 112 -21.18 3.47 4.85
N VAL A 113 -21.95 2.41 5.10
CA VAL A 113 -21.57 1.38 6.07
C VAL A 113 -20.30 0.67 5.63
N THR A 114 -20.26 0.27 4.35
CA THR A 114 -19.08 -0.43 3.84
C THR A 114 -17.81 0.42 4.00
N LEU A 115 -17.88 1.71 3.65
CA LEU A 115 -16.70 2.57 3.78
C LEU A 115 -16.25 2.69 5.23
N LEU A 116 -17.20 2.85 6.17
CA LEU A 116 -16.81 2.91 7.58
C LEU A 116 -16.22 1.58 8.04
N LYS A 117 -16.86 0.48 7.67
CA LYS A 117 -16.39 -0.82 8.16
C LYS A 117 -14.94 -1.11 7.80
N TYR A 118 -14.53 -0.78 6.56
CA TYR A 118 -13.16 -1.04 6.15
C TYR A 118 -12.24 0.14 6.43
N GLY A 119 -12.77 1.31 6.74
CA GLY A 119 -11.91 2.47 6.93
C GLY A 119 -11.50 2.72 8.37
N VAL A 120 -12.34 2.34 9.34
CA VAL A 120 -12.08 2.76 10.71
C VAL A 120 -10.76 2.18 11.21
N HIS A 121 -10.42 0.96 10.82
CA HIS A 121 -9.18 0.39 11.36
C HIS A 121 -7.95 1.19 10.93
N GLU A 122 -7.90 1.61 9.66
CA GLU A 122 -6.80 2.41 9.15
C GLU A 122 -6.76 3.79 9.80
N ILE A 123 -7.93 4.35 10.06
CA ILE A 123 -7.97 5.67 10.67
C ILE A 123 -7.59 5.57 12.14
N ILE A 124 -8.01 4.51 12.82
CA ILE A 124 -7.60 4.35 14.21
C ILE A 124 -6.08 4.29 14.31
N TYR A 125 -5.43 3.47 13.47
CA TYR A 125 -3.96 3.42 13.49
C TYR A 125 -3.37 4.79 13.21
N THR A 126 -3.90 5.49 12.21
CA THR A 126 -3.38 6.79 11.84
C THR A 126 -3.46 7.73 13.01
N MET A 127 -4.62 7.79 13.67
CA MET A 127 -4.82 8.77 14.72
C MET A 127 -4.16 8.35 16.02
N LEU A 128 -3.96 7.05 16.21
CA LEU A 128 -3.20 6.60 17.36
C LEU A 128 -1.80 7.20 17.36
N ALA A 129 -1.23 7.42 16.17
CA ALA A 129 0.10 8.01 16.06
C ALA A 129 0.14 9.40 16.68
N SER A 130 -0.94 10.16 16.54
CA SER A 130 -1.00 11.47 17.19
C SER A 130 -0.76 11.37 18.68
N LEU A 131 -1.15 10.25 19.28
CA LEU A 131 -1.06 10.08 20.74
C LEU A 131 0.23 9.42 21.17
N MET A 132 1.17 9.19 20.25
CA MET A 132 2.33 8.35 20.49
C MET A 132 3.62 9.09 20.22
N ASN A 133 4.65 8.74 20.99
CA ASN A 133 6.01 9.02 20.58
C ASN A 133 6.82 7.74 20.72
N LYS A 134 8.14 7.83 20.54
CA LYS A 134 8.96 6.64 20.59
C LYS A 134 8.98 5.99 21.97
N ASP A 135 8.47 6.67 23.01
CA ASP A 135 8.56 6.19 24.38
C ASP A 135 7.25 5.72 24.99
N GLY A 136 6.10 6.01 24.38
CA GLY A 136 4.84 5.51 24.91
C GLY A 136 3.67 6.22 24.27
N VAL A 137 2.47 6.03 24.89
CA VAL A 137 1.20 6.43 24.33
C VAL A 137 0.32 7.10 25.39
N LEU A 138 -0.33 8.20 25.02
CA LEU A 138 -1.32 8.84 25.88
C LEU A 138 -2.61 8.02 25.92
N ILE A 139 -3.28 8.02 27.08
CA ILE A 139 -4.55 7.32 27.24
C ILE A 139 -5.47 8.16 28.12
N SER A 140 -6.75 7.77 28.17
CA SER A 140 -7.78 8.45 28.98
C SER A 140 -7.77 9.95 28.74
N GLU A 141 -7.88 10.30 27.47
CA GLU A 141 -7.90 11.71 27.06
C GLU A 141 -6.67 12.44 27.59
N GLY A 142 -5.52 11.76 27.56
CA GLY A 142 -4.27 12.38 27.95
C GLY A 142 -3.99 12.46 29.43
N GLN A 143 -4.84 11.88 30.29
CA GLN A 143 -4.54 11.88 31.72
C GLN A 143 -3.53 10.80 32.08
N GLY A 144 -3.30 9.82 31.19
CA GLY A 144 -2.35 8.79 31.45
C GLY A 144 -1.36 8.69 30.31
N PHE A 145 -0.25 8.00 30.60
CA PHE A 145 0.80 7.74 29.63
C PHE A 145 1.38 6.39 29.95
N MET A 146 1.30 5.46 29.03
CA MET A 146 1.78 4.09 29.22
C MET A 146 3.03 3.91 28.37
N THR A 147 4.11 3.46 29.00
CA THR A 147 5.38 3.43 28.28
C THR A 147 5.36 2.35 27.21
N ARG A 148 6.07 2.63 26.11
CA ARG A 148 6.26 1.63 25.07
C ARG A 148 6.91 0.38 25.63
N GLU A 149 7.93 0.56 26.47
CA GLU A 149 8.68 -0.57 27.02
C GLU A 149 7.78 -1.49 27.84
N PHE A 150 6.89 -0.92 28.65
CA PHE A 150 5.98 -1.75 29.42
C PHE A 150 5.04 -2.54 28.51
N LEU A 151 4.49 -1.87 27.50
CA LEU A 151 3.61 -2.56 26.54
C LEU A 151 4.36 -3.64 25.76
N LYS A 152 5.56 -3.31 25.27
CA LYS A 152 6.34 -4.23 24.46
C LYS A 152 6.66 -5.51 25.22
N SER A 153 6.68 -5.46 26.55
CA SER A 153 7.11 -6.57 27.40
C SER A 153 5.98 -7.46 27.86
N LEU A 154 4.75 -7.21 27.43
CA LEU A 154 3.66 -8.08 27.82
C LEU A 154 3.86 -9.50 27.28
N ARG A 155 3.24 -10.46 27.97
CA ARG A 155 3.45 -11.89 27.73
C ARG A 155 2.76 -12.32 26.43
N LYS A 156 2.94 -13.62 26.11
CA LYS A 156 2.31 -14.38 25.02
C LYS A 156 2.43 -13.59 23.72
N PRO A 157 1.41 -13.41 22.86
CA PRO A 157 1.63 -12.50 21.73
C PRO A 157 1.34 -11.02 22.01
N PHE A 158 0.91 -10.68 23.23
CA PHE A 158 0.43 -9.33 23.47
C PHE A 158 1.53 -8.29 23.29
N GLY A 159 2.76 -8.62 23.69
CA GLY A 159 3.85 -7.69 23.48
C GLY A 159 4.10 -7.44 22.02
N ASP A 160 4.05 -8.49 21.21
CA ASP A 160 4.23 -8.32 19.77
C ASP A 160 3.02 -7.65 19.13
N PHE A 161 1.89 -7.62 19.83
CA PHE A 161 0.71 -6.93 19.33
C PHE A 161 0.89 -5.42 19.39
N MET A 162 1.43 -4.89 20.49
CA MET A 162 1.43 -3.44 20.69
C MET A 162 2.55 -2.76 19.91
N GLU A 163 3.72 -3.38 19.85
CA GLU A 163 4.90 -2.73 19.27
C GLU A 163 4.76 -2.32 17.79
N PRO A 164 4.11 -3.08 16.91
CA PRO A 164 3.92 -2.57 15.54
C PRO A 164 3.24 -1.20 15.46
N LYS A 165 2.24 -0.95 16.31
CA LYS A 165 1.63 0.39 16.39
C LYS A 165 2.69 1.48 16.61
N PHE A 166 3.61 1.25 17.54
CA PHE A 166 4.65 2.25 17.79
C PHE A 166 5.57 2.36 16.58
N GLU A 167 5.88 1.23 15.96
CA GLU A 167 6.82 1.22 14.84
C GLU A 167 6.26 2.04 13.69
N PHE A 168 4.98 1.85 13.39
CA PHE A 168 4.31 2.71 12.42
C PHE A 168 4.33 4.16 12.87
N ALA A 169 3.93 4.42 14.13
CA ALA A 169 3.73 5.79 14.57
C ALA A 169 5.01 6.60 14.47
N VAL A 170 6.14 5.98 14.82
CA VAL A 170 7.39 6.72 14.76
C VAL A 170 7.68 7.16 13.32
N LYS A 171 7.40 6.29 12.37
CA LYS A 171 7.64 6.65 10.98
C LYS A 171 6.61 7.65 10.49
N PHE A 172 5.34 7.44 10.82
CA PHE A 172 4.31 8.36 10.37
C PHE A 172 4.51 9.74 10.96
N ASN A 173 4.89 9.81 12.25
CA ASN A 173 5.09 11.10 12.90
C ASN A 173 6.22 11.91 12.30
N ALA A 174 7.20 11.25 11.65
CA ALA A 174 8.30 12.00 11.02
C ALA A 174 7.80 12.88 9.88
N LEU A 175 6.58 12.66 9.39
CA LEU A 175 6.00 13.56 8.40
C LEU A 175 5.57 14.88 9.03
N GLU A 176 5.39 14.91 10.35
CA GLU A 176 5.10 16.13 11.10
C GLU A 176 3.79 16.78 10.62
N LEU A 177 2.78 15.95 10.38
CA LEU A 177 1.47 16.49 10.03
C LEU A 177 0.81 17.10 11.26
N ASP A 178 0.01 18.13 11.06
CA ASP A 178 -0.79 18.70 12.13
C ASP A 178 -2.27 18.35 11.90
N ASP A 179 -3.11 18.78 12.84
CA ASP A 179 -4.52 18.41 12.81
C ASP A 179 -5.20 18.87 11.52
N SER A 180 -4.84 20.05 11.01
CA SER A 180 -5.51 20.51 9.79
C SER A 180 -5.13 19.64 8.59
N ASP A 181 -3.90 19.11 8.55
CA ASP A 181 -3.53 18.14 7.52
C ASP A 181 -4.27 16.82 7.71
N LEU A 182 -4.31 16.33 8.96
CA LEU A 182 -4.86 15.01 9.24
C LEU A 182 -6.36 14.94 8.93
N ALA A 183 -7.09 16.03 9.21
CA ALA A 183 -8.52 16.03 8.96
C ALA A 183 -8.82 15.72 7.50
N ILE A 184 -8.05 16.28 6.57
CA ILE A 184 -8.28 15.95 5.16
C ILE A 184 -7.77 14.54 4.84
N PHE A 185 -6.62 14.17 5.38
CA PHE A 185 -6.10 12.83 5.13
C PHE A 185 -7.11 11.77 5.58
N ILE A 186 -7.67 11.92 6.77
CA ILE A 186 -8.61 10.95 7.28
C ILE A 186 -9.83 10.84 6.34
N ALA A 187 -10.30 11.99 5.84
CA ALA A 187 -11.40 11.99 4.90
C ALA A 187 -11.05 11.20 3.65
N VAL A 188 -9.80 11.30 3.17
CA VAL A 188 -9.38 10.59 1.95
C VAL A 188 -9.46 9.09 2.16
N ILE A 189 -9.01 8.60 3.33
CA ILE A 189 -9.06 7.16 3.60
C ILE A 189 -10.51 6.66 3.59
N ILE A 190 -11.40 7.42 4.21
CA ILE A 190 -12.79 6.95 4.27
C ILE A 190 -13.35 6.77 2.86
N LEU A 191 -13.07 7.71 1.98
CA LEU A 191 -13.67 7.71 0.63
C LEU A 191 -12.82 6.89 -0.33
N SER A 192 -12.58 5.64 0.02
CA SER A 192 -11.79 4.77 -0.85
C SER A 192 -12.74 3.97 -1.72
N GLY A 193 -12.68 4.20 -3.01
CA GLY A 193 -13.58 3.49 -3.87
C GLY A 193 -13.27 2.03 -4.09
N ASP A 194 -12.20 1.49 -3.52
CA ASP A 194 -11.85 0.10 -3.76
C ASP A 194 -12.27 -0.82 -2.62
N ARG A 195 -13.11 -0.35 -1.70
CA ARG A 195 -13.56 -1.26 -0.65
C ARG A 195 -14.42 -2.36 -1.27
N PRO A 196 -14.27 -3.61 -0.84
CA PRO A 196 -15.11 -4.69 -1.38
C PRO A 196 -16.58 -4.44 -1.07
N GLY A 197 -17.43 -4.80 -2.02
CA GLY A 197 -18.86 -4.80 -1.81
C GLY A 197 -19.52 -3.47 -2.08
N LEU A 198 -18.76 -2.47 -2.53
CA LEU A 198 -19.34 -1.17 -2.85
C LEU A 198 -20.31 -1.28 -4.02
N LEU A 199 -21.45 -0.62 -3.90
CA LEU A 199 -22.47 -0.64 -4.94
C LEU A 199 -22.31 0.46 -5.99
N ASN A 200 -21.96 1.68 -5.58
CA ASN A 200 -21.86 2.81 -6.51
C ASN A 200 -20.53 3.55 -6.28
N VAL A 201 -19.47 3.06 -6.92
CA VAL A 201 -18.12 3.58 -6.72
C VAL A 201 -17.98 5.02 -7.21
N LYS A 202 -18.70 5.39 -8.26
CA LYS A 202 -18.40 6.66 -8.94
C LYS A 202 -18.51 7.87 -8.02
N PRO A 203 -19.59 8.09 -7.26
CA PRO A 203 -19.63 9.28 -6.41
C PRO A 203 -18.61 9.23 -5.28
N ILE A 204 -18.13 8.04 -4.92
CA ILE A 204 -17.10 7.94 -3.90
C ILE A 204 -15.77 8.46 -4.42
N GLU A 205 -15.32 7.96 -5.58
CA GLU A 205 -14.11 8.46 -6.22
C GLU A 205 -14.22 9.95 -6.53
N ASP A 206 -15.40 10.42 -6.93
CA ASP A 206 -15.55 11.84 -7.20
C ASP A 206 -15.28 12.66 -5.94
N ILE A 207 -15.84 12.26 -4.80
CA ILE A 207 -15.58 12.97 -3.56
C ILE A 207 -14.10 12.85 -3.20
N GLN A 208 -13.54 11.64 -3.31
CA GLN A 208 -12.15 11.49 -2.91
C GLN A 208 -11.25 12.35 -3.78
N ASP A 209 -11.60 12.47 -5.06
CA ASP A 209 -10.85 13.34 -5.96
C ASP A 209 -10.86 14.78 -5.45
N ASN A 210 -12.01 15.27 -5.00
CA ASN A 210 -12.04 16.61 -4.40
C ASN A 210 -11.20 16.65 -3.11
N LEU A 211 -11.31 15.62 -2.26
CA LEU A 211 -10.53 15.61 -1.03
C LEU A 211 -9.04 15.57 -1.32
N LEU A 212 -8.64 14.78 -2.31
CA LEU A 212 -7.23 14.72 -2.69
C LEU A 212 -6.74 16.07 -3.18
N GLN A 213 -7.50 16.74 -4.06
CA GLN A 213 -7.14 18.09 -4.48
C GLN A 213 -6.94 18.99 -3.28
N ALA A 214 -7.82 18.88 -2.29
CA ALA A 214 -7.74 19.74 -1.13
C ALA A 214 -6.54 19.39 -0.27
N LEU A 215 -6.23 18.09 -0.15
CA LEU A 215 -5.08 17.70 0.63
C LEU A 215 -3.80 18.21 -0.01
N GLU A 216 -3.71 18.12 -1.33
CA GLU A 216 -2.50 18.55 -2.04
C GLU A 216 -2.24 20.02 -1.79
N LEU A 217 -3.28 20.85 -1.94
CA LEU A 217 -3.14 22.28 -1.69
C LEU A 217 -2.83 22.57 -0.22
N GLN A 218 -3.48 21.85 0.70
CA GLN A 218 -3.21 22.03 2.12
C GLN A 218 -1.74 21.81 2.44
N LEU A 219 -1.18 20.69 1.96
CA LEU A 219 0.21 20.34 2.24
C LEU A 219 1.18 21.34 1.62
N LYS A 220 0.87 21.84 0.42
CA LYS A 220 1.75 22.80 -0.22
C LYS A 220 1.75 24.12 0.53
N LEU A 221 0.59 24.59 0.96
CA LEU A 221 0.52 25.81 1.73
C LEU A 221 1.07 25.64 3.15
N ASN A 222 0.76 24.52 3.80
CA ASN A 222 1.11 24.33 5.20
C ASN A 222 2.51 23.75 5.39
N HIS A 223 3.10 23.17 4.34
CA HIS A 223 4.47 22.63 4.40
C HIS A 223 5.19 22.98 3.12
N PRO A 224 5.38 24.27 2.84
CA PRO A 224 5.97 24.68 1.55
C PRO A 224 7.37 24.16 1.33
N GLU A 225 8.09 23.86 2.41
CA GLU A 225 9.47 23.39 2.30
C GLU A 225 9.58 21.86 2.24
N SER A 226 8.46 21.15 2.21
CA SER A 226 8.42 19.70 2.39
C SER A 226 8.08 19.06 1.05
N SER A 227 9.09 18.88 0.21
CA SER A 227 8.86 18.48 -1.18
C SER A 227 8.18 17.11 -1.28
N GLN A 228 7.19 17.04 -2.16
CA GLN A 228 6.51 15.77 -2.45
C GLN A 228 5.99 15.12 -1.16
N LEU A 229 5.62 15.94 -0.17
CA LEU A 229 5.02 15.37 1.04
C LEU A 229 3.69 14.70 0.70
N PHE A 230 2.93 15.29 -0.22
CA PHE A 230 1.69 14.69 -0.69
C PHE A 230 1.93 13.26 -1.13
N ALA A 231 2.88 13.07 -2.04
CA ALA A 231 3.26 11.74 -2.48
C ALA A 231 3.67 10.85 -1.32
N LYS A 232 4.44 11.40 -0.36
CA LYS A 232 4.94 10.59 0.74
C LYS A 232 3.80 10.14 1.64
N LEU A 233 2.84 11.02 1.87
CA LEU A 233 1.67 10.66 2.67
C LEU A 233 0.83 9.58 1.98
N LEU A 234 0.66 9.68 0.66
CA LEU A 234 -0.10 8.65 -0.04
C LEU A 234 0.58 7.31 0.08
N GLN A 235 1.91 7.31 0.01
CA GLN A 235 2.63 6.06 0.25
C GLN A 235 2.32 5.50 1.63
N LYS A 236 1.98 6.36 2.60
CA LYS A 236 1.63 5.87 3.93
C LYS A 236 0.23 5.24 3.98
N MET A 237 -0.73 5.75 3.20
CA MET A 237 -2.00 5.04 3.03
C MET A 237 -1.77 3.62 2.58
N THR A 238 -0.89 3.45 1.62
CA THR A 238 -0.54 2.11 1.14
C THR A 238 -0.17 1.23 2.32
N ASP A 239 0.91 1.58 3.03
CA ASP A 239 1.36 0.78 4.16
C ASP A 239 0.21 0.41 5.08
N LEU A 240 -0.63 1.41 5.40
CA LEU A 240 -1.72 1.19 6.34
C LEU A 240 -2.51 -0.06 6.01
N ARG A 241 -2.76 -0.29 4.70
CA ARG A 241 -3.48 -1.49 4.27
C ARG A 241 -2.77 -2.75 4.75
N GLN A 242 -1.46 -2.83 4.53
CA GLN A 242 -0.71 -4.01 4.93
C GLN A 242 -0.65 -4.14 6.45
N ILE A 243 -0.50 -3.03 7.16
CA ILE A 243 -0.43 -3.09 8.61
C ILE A 243 -1.76 -3.51 9.21
N VAL A 244 -2.87 -2.96 8.71
CA VAL A 244 -4.19 -3.37 9.20
C VAL A 244 -4.41 -4.85 8.98
N THR A 245 -3.92 -5.39 7.86
CA THR A 245 -4.09 -6.82 7.61
C THR A 245 -3.27 -7.64 8.60
N GLU A 246 -2.03 -7.25 8.84
CA GLU A 246 -1.27 -7.88 9.91
C GLU A 246 -2.03 -7.81 11.23
N HIS A 247 -2.67 -6.67 11.50
CA HIS A 247 -3.36 -6.44 12.77
C HIS A 247 -4.53 -7.39 12.96
N VAL A 248 -5.45 -7.43 11.98
CA VAL A 248 -6.64 -8.25 12.13
C VAL A 248 -6.26 -9.71 12.27
N GLN A 249 -5.25 -10.15 11.52
CA GLN A 249 -4.82 -11.54 11.64
C GLN A 249 -4.32 -11.84 13.04
N LEU A 250 -3.72 -10.84 13.71
CA LEU A 250 -3.30 -11.04 15.09
C LEU A 250 -4.51 -11.06 16.03
N LEU A 251 -5.48 -10.16 15.82
CA LEU A 251 -6.72 -10.23 16.58
C LEU A 251 -7.36 -11.61 16.48
N GLN A 252 -7.41 -12.17 15.27
CA GLN A 252 -8.04 -13.47 15.11
C GLN A 252 -7.33 -14.53 15.94
N VAL A 253 -6.01 -14.45 16.03
CA VAL A 253 -5.27 -15.42 16.84
C VAL A 253 -5.57 -15.22 18.32
N ILE A 254 -5.52 -13.97 18.80
CA ILE A 254 -5.80 -13.70 20.22
C ILE A 254 -7.22 -14.11 20.57
N LYS A 255 -8.19 -13.75 19.72
CA LYS A 255 -9.56 -14.17 19.97
C LYS A 255 -9.72 -15.69 19.90
N LYS A 256 -8.78 -16.40 19.28
CA LYS A 256 -8.84 -17.86 19.19
C LYS A 256 -8.00 -18.58 20.24
N THR A 257 -6.78 -18.11 20.49
CA THR A 257 -5.89 -18.82 21.41
C THR A 257 -6.17 -18.44 22.87
N GLU A 258 -6.58 -17.21 23.11
CA GLU A 258 -6.85 -16.72 24.46
C GLU A 258 -8.36 -16.73 24.70
N THR A 259 -8.91 -17.94 24.72
CA THR A 259 -10.34 -18.17 24.87
C THR A 259 -10.86 -17.61 26.19
N LEU A 263 -14.81 -13.39 27.21
CA LEU A 263 -15.54 -13.48 28.47
C LEU A 263 -17.04 -13.66 28.23
N HIS A 264 -17.81 -12.64 28.60
CA HIS A 264 -19.26 -12.69 28.44
C HIS A 264 -19.63 -12.73 26.96
N PRO A 265 -20.57 -13.58 26.55
CA PRO A 265 -21.08 -13.50 25.16
C PRO A 265 -21.53 -12.11 24.75
N LEU A 266 -22.16 -11.35 25.66
CA LEU A 266 -22.56 -9.98 25.35
C LEU A 266 -21.34 -9.11 25.07
N LEU A 267 -20.27 -9.27 25.87
CA LEU A 267 -19.03 -8.56 25.58
C LEU A 267 -18.46 -8.99 24.25
N GLN A 268 -18.49 -10.29 23.96
CA GLN A 268 -18.06 -10.77 22.65
C GLN A 268 -18.80 -10.05 21.53
N GLU A 269 -20.11 -9.82 21.71
CA GLU A 269 -20.89 -9.17 20.65
C GLU A 269 -20.53 -7.69 20.53
N ILE A 270 -20.28 -7.02 21.67
CA ILE A 270 -19.92 -5.61 21.61
C ILE A 270 -18.66 -5.43 20.77
N TYR A 271 -17.69 -6.34 20.93
CA TYR A 271 -16.40 -6.27 20.27
C TYR A 271 -16.31 -7.09 18.99
N LYS A 272 -17.43 -7.55 18.43
CA LYS A 272 -17.40 -8.30 17.16
C LYS A 272 -16.48 -7.64 16.14
N HIS B 3 13.47 20.23 -5.22
CA HIS B 3 12.76 20.90 -6.31
C HIS B 3 13.63 21.02 -7.57
N MET B 4 12.97 20.87 -8.71
CA MET B 4 13.61 20.93 -10.02
C MET B 4 12.81 21.83 -10.94
N GLU B 5 13.52 22.57 -11.80
CA GLU B 5 12.85 23.33 -12.86
C GLU B 5 12.14 22.37 -13.80
N SER B 6 10.98 22.79 -14.30
CA SER B 6 10.18 21.89 -15.12
C SER B 6 10.95 21.42 -16.34
N ALA B 7 11.77 22.30 -16.93
CA ALA B 7 12.61 21.87 -18.06
C ALA B 7 13.54 20.72 -17.67
N ASP B 8 14.04 20.72 -16.42
CA ASP B 8 14.85 19.60 -15.95
C ASP B 8 13.99 18.36 -15.70
N LEU B 9 12.76 18.54 -15.22
CA LEU B 9 11.92 17.37 -15.02
C LEU B 9 11.58 16.69 -16.35
N ARG B 10 11.33 17.49 -17.40
CA ARG B 10 11.06 16.90 -18.71
C ARG B 10 12.28 16.17 -19.22
N ALA B 11 13.48 16.75 -19.05
CA ALA B 11 14.71 16.07 -19.43
C ALA B 11 14.84 14.72 -18.73
N LEU B 12 14.53 14.68 -17.44
CA LEU B 12 14.62 13.41 -16.72
C LEU B 12 13.62 12.39 -17.29
N ALA B 13 12.38 12.83 -17.57
CA ALA B 13 11.38 11.95 -18.16
C ALA B 13 11.86 11.39 -19.51
N LYS B 14 12.42 12.24 -20.35
CA LYS B 14 12.91 11.77 -21.66
C LYS B 14 14.07 10.81 -21.48
N HIS B 15 15.02 11.14 -20.59
CA HIS B 15 16.10 10.20 -20.32
C HIS B 15 15.56 8.84 -19.92
N LEU B 16 14.62 8.83 -18.98
CA LEU B 16 14.12 7.56 -18.46
C LEU B 16 13.34 6.79 -19.52
N TYR B 17 12.50 7.49 -20.30
CA TYR B 17 11.76 6.82 -21.37
C TYR B 17 12.72 6.20 -22.38
N ASP B 18 13.76 6.96 -22.75
CA ASP B 18 14.78 6.48 -23.69
C ASP B 18 15.45 5.20 -23.19
N SER B 19 15.79 5.13 -21.88
CA SER B 19 16.44 3.93 -21.33
C SER B 19 15.47 2.77 -21.25
N TYR B 20 14.22 3.06 -20.90
CA TYR B 20 13.22 2.01 -20.88
C TYR B 20 13.12 1.36 -22.27
N ILE B 21 13.08 2.17 -23.33
CA ILE B 21 13.00 1.59 -24.68
C ILE B 21 14.22 0.72 -24.94
N LYS B 22 15.39 1.17 -24.47
CA LYS B 22 16.61 0.40 -24.69
C LYS B 22 16.62 -0.86 -23.86
N SER B 23 16.04 -0.83 -22.66
CA SER B 23 16.17 -1.97 -21.76
C SER B 23 15.12 -3.07 -21.92
N PHE B 24 13.90 -2.73 -22.39
CA PHE B 24 12.80 -3.70 -22.37
C PHE B 24 12.37 -3.97 -23.81
N PRO B 25 12.59 -5.16 -24.35
CA PRO B 25 12.32 -5.40 -25.77
C PRO B 25 10.82 -5.34 -26.13
N LEU B 26 9.92 -5.72 -25.22
CA LEU B 26 8.48 -5.75 -25.53
C LEU B 26 7.80 -4.63 -24.77
N THR B 27 7.53 -3.53 -25.45
CA THR B 27 6.88 -2.38 -24.84
C THR B 27 5.35 -2.56 -24.76
N LYS B 28 4.73 -1.76 -23.91
CA LYS B 28 3.28 -1.70 -23.86
C LYS B 28 2.71 -1.28 -25.21
N ALA B 29 3.37 -0.34 -25.89
CA ALA B 29 2.87 0.08 -27.21
C ALA B 29 2.85 -1.09 -28.20
N LYS B 30 3.92 -1.91 -28.20
CA LYS B 30 3.92 -3.08 -29.09
C LYS B 30 2.88 -4.11 -28.64
N ALA B 31 2.81 -4.38 -27.34
CA ALA B 31 1.85 -5.31 -26.79
C ALA B 31 0.42 -4.94 -27.19
N ARG B 32 0.08 -3.66 -27.09
CA ARG B 32 -1.26 -3.22 -27.48
C ARG B 32 -1.49 -3.38 -28.98
N ALA B 33 -0.49 -3.08 -29.81
CA ALA B 33 -0.65 -3.31 -31.26
C ALA B 33 -0.91 -4.78 -31.58
N ILE B 34 -0.26 -5.69 -30.84
CA ILE B 34 -0.49 -7.12 -31.06
C ILE B 34 -1.88 -7.52 -30.56
N LEU B 35 -2.23 -7.10 -29.34
CA LEU B 35 -3.54 -7.49 -28.80
C LEU B 35 -4.71 -6.84 -29.56
N THR B 36 -4.52 -5.64 -30.08
CA THR B 36 -5.58 -4.82 -30.64
C THR B 36 -5.74 -5.09 -32.13
N GLY B 37 -4.92 -5.98 -32.66
CA GLY B 37 -5.17 -6.53 -33.99
C GLY B 37 -5.08 -5.50 -35.08
N LYS B 38 -6.04 -5.60 -36.00
CA LYS B 38 -6.06 -4.80 -37.23
C LYS B 38 -4.77 -4.98 -38.01
N THR B 39 -4.01 -6.02 -37.68
CA THR B 39 -2.75 -6.34 -38.32
C THR B 39 -2.71 -7.83 -38.63
N THR B 40 -2.03 -8.18 -39.73
CA THR B 40 -1.78 -9.57 -40.08
C THR B 40 -0.35 -10.03 -39.83
N ASP B 41 0.61 -9.13 -39.57
CA ASP B 41 2.00 -9.53 -39.38
C ASP B 41 2.36 -9.72 -37.91
N LYS B 42 1.45 -9.37 -37.00
CA LYS B 42 1.74 -9.35 -35.59
C LYS B 42 0.81 -10.25 -34.80
N SER B 43 -0.04 -11.03 -35.45
CA SER B 43 -1.03 -11.81 -34.74
C SER B 43 -0.43 -12.96 -33.95
N PRO B 44 -0.76 -13.10 -32.68
CA PRO B 44 -0.24 -14.22 -31.87
C PRO B 44 -1.00 -15.52 -32.12
N PHE B 45 -0.29 -16.63 -31.98
CA PHE B 45 -0.91 -17.93 -31.79
C PHE B 45 -1.50 -18.04 -30.38
N VAL B 46 -2.72 -18.55 -30.28
CA VAL B 46 -3.46 -18.50 -29.03
C VAL B 46 -3.47 -19.88 -28.39
N ILE B 47 -3.03 -19.94 -27.13
CA ILE B 47 -3.00 -21.18 -26.37
C ILE B 47 -4.14 -21.14 -25.36
N TYR B 48 -5.07 -22.08 -25.49
CA TYR B 48 -6.28 -22.10 -24.69
C TYR B 48 -6.57 -23.48 -24.09
N ASP B 49 -5.78 -24.50 -24.42
CA ASP B 49 -6.01 -25.86 -23.95
C ASP B 49 -4.76 -26.69 -24.23
N MET B 50 -4.82 -27.97 -23.84
CA MET B 50 -3.66 -28.85 -23.97
C MET B 50 -3.24 -29.01 -25.43
N ASN B 51 -4.21 -29.20 -26.32
CA ASN B 51 -3.87 -29.42 -27.72
C ASN B 51 -3.22 -28.19 -28.35
N SER B 52 -3.76 -27.01 -28.08
CA SER B 52 -3.14 -25.82 -28.64
C SER B 52 -1.77 -25.56 -28.02
N LEU B 53 -1.60 -25.86 -26.72
CA LEU B 53 -0.27 -25.73 -26.12
C LEU B 53 0.72 -26.61 -26.87
N MET B 54 0.33 -27.85 -27.17
CA MET B 54 1.21 -28.79 -27.86
C MET B 54 1.53 -28.33 -29.27
N MET B 55 0.58 -27.67 -29.94
CA MET B 55 0.88 -27.09 -31.24
C MET B 55 1.77 -25.86 -31.09
N GLY B 56 1.62 -25.10 -29.99
CA GLY B 56 2.46 -23.94 -29.78
C GLY B 56 3.93 -24.25 -29.76
N GLU B 57 4.29 -25.42 -29.24
CA GLU B 57 5.69 -25.83 -29.25
C GLU B 57 6.21 -25.96 -30.68
N ASP B 58 5.39 -26.49 -31.58
CA ASP B 58 5.75 -26.51 -33.00
C ASP B 58 5.70 -25.10 -33.59
N LYS B 59 4.62 -24.36 -33.34
CA LYS B 59 4.40 -23.08 -34.01
C LYS B 59 5.27 -21.97 -33.43
N ILE B 60 5.10 -21.65 -32.15
CA ILE B 60 5.88 -20.56 -31.56
C ILE B 60 7.34 -20.95 -31.43
N LYS B 61 7.61 -22.07 -30.76
CA LYS B 61 8.96 -22.59 -30.59
C LYS B 61 9.96 -21.54 -30.11
N GLN B 71 12.31 -29.69 -22.07
CA GLN B 71 11.56 -30.01 -20.88
C GLN B 71 10.56 -31.13 -21.13
N SER B 72 10.43 -32.05 -20.17
CA SER B 72 9.48 -33.16 -20.24
C SER B 72 8.97 -33.42 -18.83
N LYS B 73 7.74 -32.98 -18.56
CA LYS B 73 7.08 -33.14 -17.27
C LYS B 73 5.63 -32.68 -17.43
N GLU B 74 4.88 -32.74 -16.32
CA GLU B 74 3.48 -32.35 -16.30
C GLU B 74 3.29 -30.94 -16.86
N VAL B 75 2.12 -30.68 -17.43
CA VAL B 75 1.87 -29.42 -18.13
C VAL B 75 2.07 -28.24 -17.19
N ALA B 76 1.42 -28.27 -16.02
CA ALA B 76 1.51 -27.14 -15.10
C ALA B 76 2.95 -26.85 -14.69
N ILE B 77 3.78 -27.89 -14.59
CA ILE B 77 5.20 -27.70 -14.30
C ILE B 77 5.88 -26.96 -15.44
N ARG B 78 5.74 -27.48 -16.67
CA ARG B 78 6.38 -26.86 -17.83
C ARG B 78 6.05 -25.39 -17.94
N ILE B 79 4.78 -25.03 -17.75
CA ILE B 79 4.39 -23.64 -17.84
C ILE B 79 5.02 -22.85 -16.70
N PHE B 80 4.98 -23.40 -15.49
CA PHE B 80 5.59 -22.72 -14.35
C PHE B 80 7.05 -22.41 -14.64
N GLN B 81 7.80 -23.44 -15.06
CA GLN B 81 9.21 -23.25 -15.40
C GLN B 81 9.38 -22.21 -16.50
N GLY B 82 8.49 -22.19 -17.48
CA GLY B 82 8.57 -21.16 -18.49
C GLY B 82 8.49 -19.76 -17.92
N CYS B 83 7.59 -19.58 -16.94
CA CYS B 83 7.46 -18.28 -16.29
C CYS B 83 8.73 -17.91 -15.54
N GLN B 84 9.35 -18.89 -14.87
CA GLN B 84 10.56 -18.59 -14.10
C GLN B 84 11.66 -18.11 -15.04
N PHE B 85 11.84 -18.80 -16.16
CA PHE B 85 12.79 -18.37 -17.17
C PHE B 85 12.55 -16.93 -17.60
N ARG B 86 11.29 -16.57 -17.84
CA ARG B 86 11.00 -15.21 -18.26
C ARG B 86 11.15 -14.22 -17.11
N SER B 87 10.82 -14.63 -15.88
CA SER B 87 11.06 -13.75 -14.74
C SER B 87 12.54 -13.45 -14.60
N VAL B 88 13.39 -14.46 -14.76
CA VAL B 88 14.82 -14.24 -14.69
C VAL B 88 15.24 -13.23 -15.74
N GLU B 89 14.72 -13.36 -16.97
CA GLU B 89 15.01 -12.37 -17.99
C GLU B 89 14.55 -10.99 -17.58
N ALA B 90 13.34 -10.90 -17.01
CA ALA B 90 12.85 -9.60 -16.55
C ALA B 90 13.79 -9.01 -15.51
N VAL B 91 14.28 -9.83 -14.56
CA VAL B 91 15.18 -9.30 -13.55
C VAL B 91 16.41 -8.71 -14.23
N GLN B 92 16.93 -9.40 -15.24
CA GLN B 92 18.09 -8.91 -15.96
C GLN B 92 17.78 -7.62 -16.68
N GLU B 93 16.60 -7.53 -17.31
CA GLU B 93 16.21 -6.29 -17.99
C GLU B 93 16.01 -5.16 -16.99
N ILE B 94 15.33 -5.45 -15.88
CA ILE B 94 15.12 -4.46 -14.83
C ILE B 94 16.45 -4.02 -14.22
N THR B 95 17.38 -4.95 -14.02
CA THR B 95 18.69 -4.56 -13.48
C THR B 95 19.37 -3.58 -14.42
N GLU B 96 19.35 -3.88 -15.72
CA GLU B 96 19.98 -3.01 -16.70
C GLU B 96 19.35 -1.61 -16.69
N TYR B 97 18.03 -1.53 -16.59
CA TYR B 97 17.34 -0.23 -16.55
C TYR B 97 17.68 0.59 -15.31
N ALA B 98 17.70 -0.06 -14.14
CA ALA B 98 17.96 0.66 -12.90
C ALA B 98 19.31 1.37 -12.95
N LYS B 99 20.31 0.75 -13.57
CA LYS B 99 21.62 1.38 -13.63
C LYS B 99 21.57 2.73 -14.36
N SER B 100 20.56 2.93 -15.22
CA SER B 100 20.40 4.17 -15.96
C SER B 100 19.69 5.26 -15.15
N ILE B 101 19.09 4.91 -14.02
CA ILE B 101 18.43 5.91 -13.19
C ILE B 101 19.48 6.81 -12.57
N PRO B 102 19.48 8.11 -12.86
CA PRO B 102 20.52 9.00 -12.31
C PRO B 102 20.62 8.84 -10.80
N GLY B 103 21.84 8.60 -10.31
CA GLY B 103 22.07 8.45 -8.91
C GLY B 103 22.14 7.01 -8.45
N PHE B 104 21.50 6.08 -9.17
CA PHE B 104 21.37 4.73 -8.63
C PHE B 104 22.74 4.08 -8.45
N VAL B 105 23.56 4.07 -9.50
CA VAL B 105 24.85 3.38 -9.40
C VAL B 105 25.82 4.09 -8.49
N ASN B 106 25.49 5.29 -8.03
CA ASN B 106 26.33 6.01 -7.08
C ASN B 106 25.98 5.65 -5.64
N LEU B 107 24.86 4.97 -5.42
CA LEU B 107 24.51 4.51 -4.08
C LEU B 107 25.46 3.44 -3.59
N ASP B 108 25.58 3.32 -2.26
CA ASP B 108 26.25 2.19 -1.65
C ASP B 108 25.84 0.88 -2.32
N LEU B 109 26.81 0.01 -2.56
CA LEU B 109 26.55 -1.18 -3.37
C LEU B 109 25.56 -2.13 -2.68
N ASN B 110 25.60 -2.21 -1.35
CA ASN B 110 24.63 -3.03 -0.64
C ASN B 110 23.21 -2.53 -0.85
N ASP B 111 23.04 -1.21 -0.93
CA ASP B 111 21.70 -0.65 -1.14
C ASP B 111 21.23 -0.91 -2.57
N GLN B 112 22.13 -0.80 -3.55
CA GLN B 112 21.77 -1.18 -4.92
C GLN B 112 21.17 -2.58 -4.96
N VAL B 113 21.86 -3.54 -4.33
CA VAL B 113 21.37 -4.92 -4.30
C VAL B 113 20.01 -4.98 -3.61
N THR B 114 19.91 -4.33 -2.45
CA THR B 114 18.69 -4.34 -1.67
C THR B 114 17.50 -3.78 -2.45
N LEU B 115 17.71 -2.64 -3.13
CA LEU B 115 16.63 -2.04 -3.91
C LEU B 115 16.19 -2.98 -5.02
N LEU B 116 17.14 -3.64 -5.69
CA LEU B 116 16.77 -4.60 -6.71
C LEU B 116 16.00 -5.79 -6.12
N LYS B 117 16.45 -6.33 -4.98
CA LYS B 117 15.84 -7.54 -4.43
C LYS B 117 14.35 -7.36 -4.14
N TYR B 118 13.98 -6.23 -3.55
CA TYR B 118 12.60 -5.96 -3.19
C TYR B 118 11.85 -5.23 -4.28
N GLY B 119 12.55 -4.74 -5.29
CA GLY B 119 11.91 -3.98 -6.35
C GLY B 119 11.52 -4.79 -7.57
N VAL B 120 12.28 -5.84 -7.90
CA VAL B 120 12.06 -6.47 -9.20
C VAL B 120 10.66 -7.06 -9.31
N HIS B 121 10.16 -7.71 -8.26
CA HIS B 121 8.86 -8.37 -8.41
C HIS B 121 7.72 -7.38 -8.58
N GLU B 122 7.75 -6.27 -7.85
CA GLU B 122 6.71 -5.26 -7.99
C GLU B 122 6.71 -4.70 -9.42
N ILE B 123 7.90 -4.61 -10.02
CA ILE B 123 8.03 -4.09 -11.36
C ILE B 123 7.59 -5.13 -12.38
N ILE B 124 7.92 -6.40 -12.13
CA ILE B 124 7.53 -7.47 -13.04
C ILE B 124 6.02 -7.48 -13.17
N TYR B 125 5.32 -7.41 -12.04
CA TYR B 125 3.86 -7.39 -12.06
C TYR B 125 3.34 -6.17 -12.78
N THR B 126 3.95 -5.02 -12.53
CA THR B 126 3.52 -3.78 -13.17
C THR B 126 3.60 -3.93 -14.69
N MET B 127 4.75 -4.42 -15.17
CA MET B 127 4.96 -4.52 -16.61
C MET B 127 4.26 -5.73 -17.21
N LEU B 128 3.99 -6.76 -16.39
CA LEU B 128 3.19 -7.87 -16.88
C LEU B 128 1.79 -7.41 -17.29
N ALA B 129 1.26 -6.39 -16.61
CA ALA B 129 -0.05 -5.85 -16.96
C ALA B 129 -0.11 -5.34 -18.40
N SER B 130 1.00 -4.77 -18.87
CA SER B 130 1.09 -4.30 -20.25
C SER B 130 0.80 -5.42 -21.25
N LEU B 131 1.14 -6.65 -20.87
CA LEU B 131 1.03 -7.80 -21.76
C LEU B 131 -0.31 -8.50 -21.61
N MET B 132 -1.23 -7.93 -20.85
CA MET B 132 -2.43 -8.63 -20.41
C MET B 132 -3.65 -7.85 -20.85
N ASN B 133 -4.73 -8.58 -21.16
CA ASN B 133 -6.06 -7.99 -21.13
C ASN B 133 -6.89 -8.92 -20.25
N LYS B 134 -8.21 -8.72 -20.17
CA LYS B 134 -9.00 -9.54 -19.26
C LYS B 134 -9.08 -11.00 -19.67
N ASP B 135 -8.65 -11.36 -20.90
CA ASP B 135 -8.79 -12.74 -21.38
C ASP B 135 -7.49 -13.51 -21.47
N GLY B 136 -6.33 -12.88 -21.30
CA GLY B 136 -5.09 -13.62 -21.31
C GLY B 136 -3.87 -12.72 -21.39
N VAL B 137 -2.71 -13.36 -21.66
CA VAL B 137 -1.42 -12.69 -21.54
C VAL B 137 -0.51 -13.05 -22.71
N LEU B 138 0.19 -12.07 -23.25
CA LEU B 138 1.19 -12.32 -24.30
C LEU B 138 2.39 -13.08 -23.74
N ILE B 139 2.95 -13.96 -24.56
CA ILE B 139 4.13 -14.76 -24.19
C ILE B 139 5.05 -14.85 -25.40
N SER B 140 6.26 -15.34 -25.15
CA SER B 140 7.29 -15.52 -26.17
C SER B 140 7.46 -14.25 -27.00
N GLU B 141 7.70 -13.14 -26.30
CA GLU B 141 7.90 -11.85 -26.94
C GLU B 141 6.73 -11.51 -27.86
N GLY B 142 5.52 -11.86 -27.41
CA GLY B 142 4.31 -11.53 -28.12
C GLY B 142 3.95 -12.44 -29.28
N GLN B 143 4.68 -13.54 -29.51
CA GLN B 143 4.31 -14.46 -30.56
C GLN B 143 3.13 -15.35 -30.16
N GLY B 144 2.88 -15.48 -28.87
CA GLY B 144 1.82 -16.32 -28.38
C GLY B 144 0.94 -15.54 -27.41
N PHE B 145 -0.19 -16.14 -27.08
CA PHE B 145 -1.13 -15.56 -26.14
C PHE B 145 -1.78 -16.74 -25.43
N MET B 146 -1.68 -16.77 -24.11
CA MET B 146 -2.22 -17.85 -23.30
C MET B 146 -3.42 -17.31 -22.54
N THR B 147 -4.56 -18.01 -22.65
CA THR B 147 -5.79 -17.48 -22.08
C THR B 147 -5.78 -17.55 -20.56
N ARG B 148 -6.45 -16.57 -19.96
CA ARG B 148 -6.65 -16.56 -18.52
C ARG B 148 -7.33 -17.84 -18.05
N GLU B 149 -8.34 -18.30 -18.81
CA GLU B 149 -9.06 -19.53 -18.47
C GLU B 149 -8.12 -20.72 -18.40
N PHE B 150 -7.23 -20.85 -19.38
CA PHE B 150 -6.34 -22.02 -19.39
C PHE B 150 -5.41 -22.00 -18.18
N LEU B 151 -4.89 -20.83 -17.84
CA LEU B 151 -4.03 -20.70 -16.66
C LEU B 151 -4.81 -21.05 -15.39
N LYS B 152 -6.04 -20.53 -15.27
CA LYS B 152 -6.84 -20.79 -14.08
C LYS B 152 -7.20 -22.26 -13.90
N SER B 153 -7.13 -23.07 -14.95
CA SER B 153 -7.54 -24.47 -14.86
C SER B 153 -6.39 -25.43 -14.60
N LEU B 154 -5.16 -24.93 -14.45
CA LEU B 154 -4.03 -25.79 -14.13
C LEU B 154 -4.21 -26.41 -12.74
N ARG B 155 -3.62 -27.60 -12.55
CA ARG B 155 -3.88 -28.39 -11.35
C ARG B 155 -3.24 -27.76 -10.10
N LYS B 156 -3.52 -28.42 -8.97
CA LYS B 156 -2.94 -28.25 -7.63
C LYS B 156 -2.99 -26.80 -7.18
N PRO B 157 -1.85 -26.21 -6.80
CA PRO B 157 -1.80 -24.77 -6.52
C PRO B 157 -1.49 -23.90 -7.73
N PHE B 158 -1.08 -24.47 -8.86
CA PHE B 158 -0.61 -23.67 -9.98
C PHE B 158 -1.71 -22.83 -10.61
N GLY B 159 -2.96 -23.32 -10.56
CA GLY B 159 -4.06 -22.55 -11.09
C GLY B 159 -4.29 -21.24 -10.36
N ASP B 160 -4.13 -21.24 -9.04
CA ASP B 160 -4.28 -20.00 -8.29
C ASP B 160 -3.11 -19.06 -8.48
N PHE B 161 -2.04 -19.53 -9.10
CA PHE B 161 -0.84 -18.70 -9.21
C PHE B 161 -1.07 -17.50 -10.09
N MET B 162 -1.66 -17.72 -11.27
CA MET B 162 -1.66 -16.72 -12.32
C MET B 162 -2.77 -15.69 -12.16
N GLU B 163 -3.90 -16.08 -11.56
CA GLU B 163 -5.09 -15.23 -11.54
C GLU B 163 -4.93 -13.90 -10.79
N PRO B 164 -4.30 -13.82 -9.61
CA PRO B 164 -4.10 -12.49 -8.99
C PRO B 164 -3.39 -11.49 -9.89
N LYS B 165 -2.40 -11.93 -10.66
CA LYS B 165 -1.77 -11.07 -11.65
C LYS B 165 -2.83 -10.43 -12.56
N PHE B 166 -3.80 -11.24 -13.01
CA PHE B 166 -4.85 -10.75 -13.90
C PHE B 166 -5.79 -9.76 -13.22
N GLU B 167 -6.15 -9.99 -11.95
CA GLU B 167 -7.04 -9.07 -11.25
C GLU B 167 -6.39 -7.70 -11.08
N PHE B 168 -5.13 -7.67 -10.71
CA PHE B 168 -4.40 -6.40 -10.71
C PHE B 168 -4.40 -5.75 -12.10
N ALA B 169 -4.04 -6.53 -13.14
CA ALA B 169 -3.80 -5.92 -14.45
C ALA B 169 -5.05 -5.22 -14.98
N VAL B 170 -6.22 -5.83 -14.79
CA VAL B 170 -7.46 -5.21 -15.27
C VAL B 170 -7.67 -3.87 -14.58
N LYS B 171 -7.34 -3.79 -13.29
CA LYS B 171 -7.44 -2.53 -12.57
C LYS B 171 -6.32 -1.57 -12.97
N PHE B 172 -5.09 -2.06 -13.03
CA PHE B 172 -3.99 -1.18 -13.38
C PHE B 172 -4.15 -0.64 -14.80
N ASN B 173 -4.57 -1.50 -15.74
CA ASN B 173 -4.74 -1.11 -17.13
C ASN B 173 -5.83 -0.06 -17.31
N ALA B 174 -6.77 0.03 -16.38
CA ALA B 174 -7.79 1.06 -16.52
C ALA B 174 -7.21 2.46 -16.34
N LEU B 175 -5.99 2.59 -15.83
CA LEU B 175 -5.35 3.89 -15.76
C LEU B 175 -4.87 4.36 -17.14
N GLU B 176 -4.73 3.43 -18.08
CA GLU B 176 -4.36 3.79 -19.45
C GLU B 176 -3.01 4.52 -19.49
N LEU B 177 -2.05 4.01 -18.74
CA LEU B 177 -0.68 4.53 -18.80
C LEU B 177 0.03 4.10 -20.08
N ASP B 178 0.91 4.96 -20.58
CA ASP B 178 1.75 4.53 -21.71
C ASP B 178 3.17 4.32 -21.19
N ASP B 179 4.06 3.89 -22.10
CA ASP B 179 5.42 3.53 -21.70
C ASP B 179 6.17 4.72 -21.10
N SER B 180 5.95 5.93 -21.62
CA SER B 180 6.67 7.06 -21.08
C SER B 180 6.25 7.34 -19.65
N ASP B 181 4.99 7.04 -19.30
CA ASP B 181 4.58 7.09 -17.91
C ASP B 181 5.21 5.98 -17.10
N LEU B 182 5.13 4.74 -17.61
CA LEU B 182 5.60 3.58 -16.85
C LEU B 182 7.09 3.67 -16.55
N ALA B 183 7.86 4.23 -17.46
CA ALA B 183 9.30 4.34 -17.26
C ALA B 183 9.61 5.13 -15.99
N ILE B 184 8.87 6.23 -15.74
CA ILE B 184 9.13 6.98 -14.52
C ILE B 184 8.59 6.25 -13.30
N PHE B 185 7.37 5.69 -13.42
CA PHE B 185 6.77 4.96 -12.32
C PHE B 185 7.68 3.83 -11.86
N ILE B 186 8.23 3.09 -12.82
CA ILE B 186 9.11 1.97 -12.50
C ILE B 186 10.34 2.48 -11.75
N ALA B 187 10.90 3.62 -12.18
CA ALA B 187 12.04 4.20 -11.49
C ALA B 187 11.67 4.54 -10.05
N VAL B 188 10.45 5.05 -9.84
CA VAL B 188 10.01 5.41 -8.49
C VAL B 188 9.98 4.19 -7.59
N ILE B 189 9.51 3.05 -8.13
CA ILE B 189 9.41 1.83 -7.35
C ILE B 189 10.79 1.38 -6.88
N ILE B 190 11.78 1.40 -7.78
CA ILE B 190 13.11 0.93 -7.41
C ILE B 190 13.68 1.74 -6.27
N LEU B 191 13.54 3.07 -6.33
CA LEU B 191 14.18 3.96 -5.35
C LEU B 191 13.28 4.18 -4.13
N SER B 192 12.90 3.07 -3.49
CA SER B 192 12.06 3.11 -2.30
C SER B 192 12.95 3.05 -1.07
N GLY B 193 12.90 4.09 -0.24
CA GLY B 193 13.71 4.12 0.96
C GLY B 193 13.22 3.27 2.11
N ASP B 194 12.09 2.59 1.96
CA ASP B 194 11.54 1.76 3.02
C ASP B 194 11.85 0.28 2.83
N ARG B 195 12.78 -0.06 1.94
CA ARG B 195 13.15 -1.46 1.82
C ARG B 195 13.89 -1.91 3.08
N PRO B 196 13.63 -3.10 3.58
CA PRO B 196 14.35 -3.55 4.78
C PRO B 196 15.85 -3.62 4.55
N GLY B 197 16.61 -3.15 5.55
CA GLY B 197 18.04 -3.31 5.55
C GLY B 197 18.82 -2.24 4.84
N LEU B 198 18.17 -1.20 4.34
CA LEU B 198 18.89 -0.11 3.68
C LEU B 198 19.81 0.59 4.66
N LEU B 199 21.02 0.89 4.18
CA LEU B 199 22.03 1.55 5.02
C LEU B 199 21.95 3.07 4.96
N ASN B 200 21.66 3.67 3.80
CA ASN B 200 21.65 5.14 3.66
C ASN B 200 20.32 5.56 3.05
N VAL B 201 19.30 5.74 3.88
CA VAL B 201 17.97 6.01 3.35
C VAL B 201 17.91 7.37 2.63
N LYS B 202 18.61 8.37 3.14
CA LYS B 202 18.41 9.73 2.64
C LYS B 202 18.74 9.91 1.16
N PRO B 203 19.90 9.49 0.64
CA PRO B 203 20.15 9.74 -0.78
C PRO B 203 19.21 8.95 -1.69
N ILE B 204 18.64 7.85 -1.21
CA ILE B 204 17.63 7.16 -1.99
C ILE B 204 16.36 8.01 -2.05
N GLU B 205 15.92 8.52 -0.89
CA GLU B 205 14.77 9.41 -0.85
C GLU B 205 14.96 10.64 -1.72
N ASP B 206 16.18 11.20 -1.73
CA ASP B 206 16.44 12.37 -2.57
C ASP B 206 16.23 12.02 -4.05
N ILE B 207 16.74 10.86 -4.48
CA ILE B 207 16.49 10.50 -5.87
C ILE B 207 15.00 10.30 -6.09
N GLN B 208 14.32 9.63 -5.16
CA GLN B 208 12.90 9.35 -5.38
C GLN B 208 12.10 10.64 -5.44
N ASP B 209 12.46 11.67 -4.66
CA ASP B 209 11.76 12.95 -4.76
C ASP B 209 11.85 13.54 -6.16
N ASN B 210 13.04 13.50 -6.79
CA ASN B 210 13.13 14.01 -8.16
C ASN B 210 12.28 13.19 -9.10
N LEU B 211 12.34 11.87 -8.96
CA LEU B 211 11.55 10.99 -9.82
C LEU B 211 10.06 11.23 -9.62
N LEU B 212 9.64 11.42 -8.35
CA LEU B 212 8.24 11.71 -8.08
C LEU B 212 7.81 13.01 -8.73
N GLN B 213 8.63 14.06 -8.60
CA GLN B 213 8.34 15.31 -9.30
C GLN B 213 8.23 15.07 -10.79
N ALA B 214 9.11 14.25 -11.34
CA ALA B 214 9.09 14.02 -12.78
C ALA B 214 7.84 13.25 -13.17
N LEU B 215 7.44 12.29 -12.34
CA LEU B 215 6.22 11.54 -12.62
C LEU B 215 5.01 12.45 -12.57
N GLU B 216 4.95 13.31 -11.57
CA GLU B 216 3.80 14.20 -11.38
C GLU B 216 3.63 15.11 -12.59
N LEU B 217 4.70 15.78 -13.02
CA LEU B 217 4.61 16.63 -14.20
C LEU B 217 4.29 15.82 -15.46
N GLN B 218 4.91 14.64 -15.61
CA GLN B 218 4.62 13.81 -16.78
C GLN B 218 3.14 13.45 -16.87
N LEU B 219 2.57 12.96 -15.77
CA LEU B 219 1.16 12.56 -15.78
C LEU B 219 0.24 13.75 -16.06
N LYS B 220 0.58 14.92 -15.54
CA LYS B 220 -0.27 16.08 -15.81
C LYS B 220 -0.21 16.47 -17.29
N LEU B 221 0.97 16.44 -17.89
CA LEU B 221 1.09 16.81 -19.30
C LEU B 221 0.51 15.75 -20.21
N ASN B 222 0.73 14.47 -19.90
CA ASN B 222 0.36 13.37 -20.78
C ASN B 222 -1.08 12.90 -20.57
N HIS B 223 -1.70 13.25 -19.45
CA HIS B 223 -3.10 12.90 -19.20
C HIS B 223 -3.79 14.10 -18.56
N PRO B 224 -3.85 15.23 -19.28
CA PRO B 224 -4.32 16.47 -18.65
C PRO B 224 -5.75 16.40 -18.17
N GLU B 225 -6.57 15.55 -18.77
CA GLU B 225 -7.97 15.40 -18.39
C GLU B 225 -8.17 14.33 -17.32
N SER B 226 -7.09 13.80 -16.76
CA SER B 226 -7.15 12.64 -15.87
C SER B 226 -6.83 13.12 -14.47
N SER B 227 -7.86 13.61 -13.78
CA SER B 227 -7.69 14.25 -12.49
C SER B 227 -7.13 13.28 -11.45
N GLN B 228 -6.13 13.76 -10.68
CA GLN B 228 -5.55 12.98 -9.59
C GLN B 228 -5.04 11.62 -10.03
N LEU B 229 -4.60 11.51 -11.30
CA LEU B 229 -4.01 10.24 -11.75
C LEU B 229 -2.73 9.93 -11.00
N PHE B 230 -1.97 10.97 -10.65
CA PHE B 230 -0.76 10.80 -9.86
C PHE B 230 -1.05 10.06 -8.56
N ALA B 231 -1.94 10.63 -7.75
CA ALA B 231 -2.37 9.96 -6.52
C ALA B 231 -2.95 8.58 -6.79
N LYS B 232 -3.75 8.43 -7.87
CA LYS B 232 -4.34 7.11 -8.12
C LYS B 232 -3.26 6.10 -8.47
N LEU B 233 -2.25 6.52 -9.24
CA LEU B 233 -1.16 5.61 -9.56
C LEU B 233 -0.37 5.18 -8.32
N LEU B 234 -0.10 6.11 -7.39
CA LEU B 234 0.66 5.76 -6.18
C LEU B 234 -0.11 4.78 -5.30
N GLN B 235 -1.43 4.93 -5.22
CA GLN B 235 -2.24 3.96 -4.49
C GLN B 235 -2.09 2.55 -5.04
N LYS B 236 -1.68 2.39 -6.30
CA LYS B 236 -1.49 1.05 -6.84
C LYS B 236 -0.35 0.30 -6.17
N MET B 237 0.54 1.01 -5.47
CA MET B 237 1.48 0.32 -4.60
C MET B 237 0.76 -0.66 -3.67
N THR B 238 -0.40 -0.27 -3.14
CA THR B 238 -1.14 -1.20 -2.31
C THR B 238 -1.33 -2.53 -3.05
N ASP B 239 -2.06 -2.48 -4.16
CA ASP B 239 -2.31 -3.68 -4.95
C ASP B 239 -1.02 -4.44 -5.23
N LEU B 240 0.03 -3.74 -5.68
CA LEU B 240 1.32 -4.39 -5.97
C LEU B 240 1.87 -5.12 -4.75
N ARG B 241 1.90 -4.45 -3.60
CA ARG B 241 2.40 -5.10 -2.38
C ARG B 241 1.60 -6.35 -2.06
N GLN B 242 0.27 -6.28 -2.19
CA GLN B 242 -0.55 -7.42 -1.80
C GLN B 242 -0.27 -8.64 -2.68
N ILE B 243 -0.09 -8.44 -3.99
CA ILE B 243 0.14 -9.60 -4.85
C ILE B 243 1.51 -10.21 -4.58
N VAL B 244 2.53 -9.38 -4.38
CA VAL B 244 3.85 -9.92 -4.12
C VAL B 244 3.82 -10.84 -2.91
N THR B 245 3.03 -10.48 -1.89
CA THR B 245 2.91 -11.29 -0.69
C THR B 245 2.16 -12.59 -0.97
N GLU B 246 1.03 -12.51 -1.67
CA GLU B 246 0.36 -13.74 -2.08
C GLU B 246 1.27 -14.63 -2.91
N HIS B 247 2.10 -14.02 -3.76
CA HIS B 247 2.95 -14.80 -4.65
C HIS B 247 3.96 -15.62 -3.86
N VAL B 248 4.68 -14.97 -2.93
CA VAL B 248 5.68 -15.68 -2.14
C VAL B 248 5.03 -16.77 -1.29
N GLN B 249 3.83 -16.49 -0.75
CA GLN B 249 3.13 -17.50 0.05
C GLN B 249 2.75 -18.71 -0.79
N LEU B 250 2.47 -18.51 -2.07
CA LEU B 250 2.21 -19.65 -2.95
C LEU B 250 3.51 -20.39 -3.29
N LEU B 251 4.59 -19.65 -3.52
CA LEU B 251 5.88 -20.26 -3.73
C LEU B 251 6.25 -21.20 -2.59
N GLN B 252 6.03 -20.76 -1.35
CA GLN B 252 6.41 -21.56 -0.19
C GLN B 252 5.65 -22.89 -0.18
N VAL B 253 4.40 -22.89 -0.61
CA VAL B 253 3.64 -24.13 -0.68
C VAL B 253 4.30 -25.06 -1.69
N ILE B 254 4.63 -24.53 -2.87
CA ILE B 254 5.26 -25.32 -3.91
C ILE B 254 6.60 -25.87 -3.44
N LYS B 255 7.40 -25.03 -2.79
CA LYS B 255 8.68 -25.48 -2.23
C LYS B 255 8.48 -26.56 -1.17
N LYS B 256 7.26 -26.73 -0.66
CA LYS B 256 6.97 -27.80 0.28
C LYS B 256 6.41 -29.02 -0.45
N THR B 257 5.58 -28.81 -1.47
CA THR B 257 4.98 -29.94 -2.17
C THR B 257 5.88 -30.51 -3.27
N GLU B 258 6.54 -29.64 -4.03
CA GLU B 258 7.36 -30.09 -5.16
C GLU B 258 8.85 -30.00 -4.89
N THR B 259 9.34 -30.79 -3.93
CA THR B 259 10.76 -30.77 -3.58
C THR B 259 11.67 -31.24 -4.72
N ASP B 260 11.08 -31.73 -5.82
CA ASP B 260 11.88 -32.11 -6.98
C ASP B 260 12.15 -30.92 -7.90
N MET B 261 11.73 -29.72 -7.52
CA MET B 261 11.74 -28.57 -8.41
C MET B 261 12.71 -27.52 -7.90
N SER B 262 13.44 -26.91 -8.82
CA SER B 262 14.47 -25.94 -8.49
C SER B 262 14.17 -24.58 -9.10
N LEU B 263 14.67 -23.55 -8.45
CA LEU B 263 14.55 -22.19 -8.93
C LEU B 263 15.89 -21.72 -9.46
N HIS B 264 15.82 -20.70 -10.31
CA HIS B 264 17.02 -20.11 -10.83
C HIS B 264 17.81 -19.49 -9.68
N PRO B 265 19.14 -19.57 -9.70
CA PRO B 265 19.93 -18.92 -8.62
C PRO B 265 19.53 -17.48 -8.35
N LEU B 266 19.25 -16.70 -9.39
CA LEU B 266 18.86 -15.31 -9.22
C LEU B 266 17.53 -15.18 -8.48
N LEU B 267 16.55 -16.00 -8.83
CA LEU B 267 15.29 -15.98 -8.09
C LEU B 267 15.48 -16.54 -6.69
N GLN B 268 16.24 -17.65 -6.59
CA GLN B 268 16.56 -18.20 -5.29
C GLN B 268 17.12 -17.15 -4.35
N GLU B 269 18.02 -16.30 -4.87
CA GLU B 269 18.64 -15.30 -4.03
C GLU B 269 17.68 -14.15 -3.74
N ILE B 270 16.85 -13.77 -4.71
CA ILE B 270 15.90 -12.68 -4.48
C ILE B 270 14.94 -13.03 -3.35
N TYR B 271 14.53 -14.30 -3.23
CA TYR B 271 13.51 -14.64 -2.25
C TYR B 271 14.06 -14.95 -0.86
N LYS B 272 15.26 -15.55 -0.76
CA LYS B 272 15.87 -15.81 0.52
C LYS B 272 15.85 -14.55 1.38
N ASP B 273 15.00 -14.56 2.42
CA ASP B 273 14.75 -13.39 3.25
C ASP B 273 14.24 -12.23 2.41
C12 A1IQG C . -6.55 3.31 19.50
C7 A1IQG C . -5.79 3.42 21.79
C3 A1IQG C . -5.72 1.76 27.32
C1 A1IQG C . -4.43 0.16 28.80
O4 A1IQG C . -5.02 -2.83 18.97
C8 A1IQG C . -6.25 4.72 21.87
C9 A1IQG C . -6.85 5.32 20.76
C10 A1IQG C . -7.32 6.74 20.86
C2 A1IQG C . -4.56 1.03 27.57
C6 A1IQG C . -4.92 3.52 24.05
C11 A1IQG C . -7.00 4.61 19.59
C13 A1IQG C . -5.97 2.67 20.61
C14 A1IQG C . -5.39 1.33 20.43
C15 A1IQG C . -5.57 -1.77 18.78
C16 A1IQG C . -6.63 -1.57 17.75
C17 A1IQG C . -6.36 -0.71 16.68
C18 A1IQG C . -7.30 -0.50 15.69
C19 A1IQG C . -8.51 -1.15 15.77
C20 A1IQG C . -8.79 -2.01 16.82
C21 A1IQG C . -7.86 -2.23 17.83
C22 A1IQG C . -8.17 -3.17 18.96
C23 A1IQG C . -4.01 -0.46 20.24
C24 A1IQG C . -2.89 -1.26 20.42
C25 A1IQG C . -1.83 -0.76 21.13
C26 A1IQG C . -1.93 0.52 21.70
C27 A1IQG C . -3.04 1.31 21.56
C28 A1IQG C . -4.11 0.83 20.79
C29 A1IQG C . -3.65 1.90 25.51
C30 A1IQG C . -3.54 1.11 26.64
C4 A1IQG C . -5.83 2.55 26.19
C5 A1IQG C . -4.80 2.63 25.27
F1 A1IQG C . -7.63 -4.37 18.77
F2 A1IQG C . -7.74 -2.72 20.13
F3 A1IQG C . -9.46 -3.40 19.12
N1 A1IQG C . -6.01 0.47 19.63
N2 A1IQG C . -5.20 -0.66 19.56
O1 A1IQG C . -5.20 2.78 22.85
O2 A1IQG C . -7.40 7.25 22.00
O3 A1IQG C . -7.53 7.37 19.78
CL1 A1IQG C . -4.81 0.12 16.57
CL2 A1IQG C . -0.57 1.10 22.63
C12 A1IQG D . 6.63 -12.10 -16.01
C7 A1IQG D . 5.77 -13.67 -17.63
C3 A1IQG D . 3.59 -18.65 -19.83
C1 A1IQG D . 4.56 -20.72 -20.87
O4 A1IQG D . 5.70 -13.96 -11.16
C8 A1IQG D . 6.25 -12.86 -18.64
C9 A1IQG D . 6.92 -11.68 -18.35
C10 A1IQG D . 7.42 -10.81 -19.46
C2 A1IQG D . 4.64 -19.27 -20.46
C6 A1IQG D . 4.89 -15.11 -19.34
C11 A1IQG D . 7.11 -11.30 -17.03
C13 A1IQG D . 6.01 -13.32 -16.30
C14 A1IQG D . 5.43 -14.06 -15.18
C15 A1IQG D . 5.83 -14.95 -11.84
C16 A1IQG D . 6.69 -16.09 -11.37
C17 A1IQG D . 7.96 -15.84 -10.85
C18 A1IQG D . 8.77 -16.87 -10.40
C19 A1IQG D . 8.33 -18.16 -10.45
C20 A1IQG D . 7.08 -18.44 -10.95
C21 A1IQG D . 6.25 -17.42 -11.42
C22 A1IQG D . 4.89 -17.79 -11.92
C23 A1IQG D . 3.99 -15.07 -13.74
C24 A1IQG D . 2.80 -15.66 -13.32
C25 A1IQG D . 1.75 -15.75 -14.20
C26 A1IQG D . 1.89 -15.28 -15.50
C27 A1IQG D . 3.05 -14.70 -15.95
C28 A1IQG D . 4.11 -14.59 -15.05
C29 A1IQG D . 5.86 -17.20 -20.36
C30 A1IQG D . 5.77 -18.52 -20.73
C4 A1IQG D . 3.66 -17.31 -19.45
C5 A1IQG D . 4.80 -16.56 -19.71
F1 A1IQG D . 4.75 -17.61 -13.20
F2 A1IQG D . 4.58 -19.05 -11.73
F3 A1IQG D . 3.94 -17.08 -11.33
N1 A1IQG D . 6.06 -14.13 -14.01
N2 A1IQG D . 5.23 -14.81 -13.13
O1 A1IQG D . 5.15 -14.84 -17.94
O2 A1IQG D . 7.89 -9.68 -19.14
O3 A1IQG D . 7.35 -11.26 -20.62
CL1 A1IQG D . 8.58 -14.23 -10.73
CL2 A1IQG D . 0.55 -15.39 -16.62
#